data_5IWC
#
_entry.id   5IWC
#
_cell.length_a   66.040
_cell.length_b   87.530
_cell.length_c   98.220
_cell.angle_alpha   90.00
_cell.angle_beta   90.00
_cell.angle_gamma   90.00
#
_symmetry.space_group_name_H-M   'P 21 21 21'
#
loop_
_entity.id
_entity.type
_entity.pdbx_description
1 polymer 'O-phosphoserine sulfhydrylase'
2 non-polymer "PYRIDOXAL-5'-PHOSPHATE"
3 non-polymer "4-{[([1,1'-biphenyl]-3-yl)carbamoyl]amino}-2-hydroxybenzoic acid"
4 water water
#
_entity_poly.entity_id   1
_entity_poly.type   'polypeptide(L)'
_entity_poly.pdbx_seq_one_letter_code
;GSHMARYDSLLQALGNTPLVGLQRLSPRWDDGRDGPHVRLWAKLEDRNPTGSIKDRPAVRMIEQAEADGLLRPGATILEP
TSGNTGISLAMAARLKGYRLICVMPENTSVERRQLLELYGAQIIFSAAEGGSNTAVATAKELAATNPSWVMLYQYGNPAN
TDSHYCGTGPELLADLPEITHFVAGLGTTGTLMGTGRFLREHVANVKIVAAEPRYGEGVYALRNMDEGFVPELYDPEILT
ARYSVGAVDAVRRTRELVHTEGIFAGISTGAVLHAALGVGAGALAAGERADIALVVADAGWKYLSTGAYAGSLDDAETAL
EGQLWA
;
_entity_poly.pdbx_strand_id   A,B
#
loop_
_chem_comp.id
_chem_comp.type
_chem_comp.name
_chem_comp.formula
6EQ non-polymer '4-{[([1,1'-biphenyl]-3-yl)carbamoyl]amino}-2-hydroxybenzoic acid' 'C20 H16 N2 O4'
PLP non-polymer PYRIDOXAL-5'-PHOSPHATE 'C8 H10 N O6 P'
#
# COMPACT_ATOMS: atom_id res chain seq x y z
N ALA A 5 3.62 -12.61 -11.46
CA ALA A 5 3.08 -11.98 -10.27
C ALA A 5 1.90 -12.78 -9.70
N ARG A 6 2.06 -14.10 -9.68
CA ARG A 6 1.01 -14.99 -9.17
C ARG A 6 1.64 -15.75 -8.01
N TYR A 7 1.05 -15.60 -6.83
CA TYR A 7 1.63 -16.10 -5.59
C TYR A 7 0.60 -16.95 -4.88
N ASP A 8 1.00 -18.13 -4.44
CA ASP A 8 0.12 -19.01 -3.69
C ASP A 8 -0.07 -18.56 -2.25
N SER A 9 0.67 -17.54 -1.83
CA SER A 9 0.54 -16.96 -0.49
C SER A 9 1.02 -15.49 -0.49
N LEU A 10 0.39 -14.71 0.38
CA LEU A 10 0.73 -13.31 0.54
C LEU A 10 2.20 -13.11 0.92
N LEU A 11 2.77 -14.07 1.64
CA LEU A 11 4.18 -14.01 2.07
C LEU A 11 5.20 -13.87 0.92
N GLN A 12 4.84 -14.33 -0.27
CA GLN A 12 5.71 -14.23 -1.42
C GLN A 12 5.49 -12.90 -2.10
N ALA A 13 4.34 -12.27 -1.88
CA ALA A 13 4.06 -10.98 -2.49
C ALA A 13 4.75 -9.91 -1.68
N LEU A 14 6.07 -9.97 -1.67
CA LEU A 14 6.87 -9.26 -0.68
C LEU A 14 8.15 -8.80 -1.33
N GLY A 15 8.60 -7.60 -1.02
CA GLY A 15 9.79 -7.09 -1.67
C GLY A 15 9.55 -6.78 -3.14
N ASN A 16 10.63 -6.65 -3.89
CA ASN A 16 10.55 -6.23 -5.30
C ASN A 16 9.81 -4.92 -5.44
N THR A 17 10.10 -4.01 -4.51
CA THR A 17 9.43 -2.74 -4.37
C THR A 17 10.03 -1.75 -5.36
N PRO A 18 9.22 -0.80 -5.85
CA PRO A 18 9.67 0.06 -6.91
C PRO A 18 10.61 1.16 -6.45
N LEU A 19 11.50 1.57 -7.34
CA LEU A 19 12.38 2.71 -7.11
C LEU A 19 11.96 3.81 -8.07
N VAL A 20 11.69 5.00 -7.54
CA VAL A 20 11.01 6.06 -8.25
C VAL A 20 11.82 7.36 -8.14
N GLY A 21 12.14 7.96 -9.28
CA GLY A 21 12.88 9.21 -9.29
C GLY A 21 12.02 10.36 -8.81
N LEU A 22 12.58 11.19 -7.94
CA LEU A 22 11.92 12.37 -7.44
C LEU A 22 12.43 13.56 -8.21
N GLN A 23 11.80 13.86 -9.34
CA GLN A 23 12.35 14.85 -10.29
C GLN A 23 12.18 16.28 -9.83
N ARG A 24 11.04 16.59 -9.22
CA ARG A 24 10.80 17.96 -8.74
C ARG A 24 11.61 18.29 -7.53
N LEU A 25 11.79 17.31 -6.66
CA LEU A 25 12.42 17.55 -5.35
C LEU A 25 13.92 17.35 -5.39
N SER A 26 14.40 16.63 -6.40
CA SER A 26 15.83 16.49 -6.61
C SER A 26 16.45 17.89 -6.78
N PRO A 27 17.61 18.14 -6.13
CA PRO A 27 18.41 19.36 -6.35
C PRO A 27 18.71 19.65 -7.85
N ARG A 28 19.07 18.63 -8.64
CA ARG A 28 19.25 18.77 -10.09
C ARG A 28 18.99 17.44 -10.79
N TRP A 29 17.80 17.31 -11.37
CA TRP A 29 17.47 16.10 -12.09
C TRP A 29 18.24 15.92 -13.41
N ASP A 30 18.38 16.97 -14.21
CA ASP A 30 19.09 16.90 -15.51
C ASP A 30 20.56 17.32 -15.40
N ASP A 31 21.46 16.55 -16.01
CA ASP A 31 22.87 16.96 -16.22
C ASP A 31 22.86 18.16 -17.15
N GLY A 32 23.76 19.11 -16.93
CA GLY A 32 23.78 20.32 -17.74
C GLY A 32 25.03 21.16 -17.71
N ARG A 33 24.86 22.37 -18.25
CA ARG A 33 25.91 23.40 -18.31
C ARG A 33 26.41 23.80 -16.91
N ASP A 34 25.50 23.89 -15.95
CA ASP A 34 25.84 24.28 -14.56
C ASP A 34 26.42 23.13 -13.71
N GLY A 35 26.31 21.90 -14.22
CA GLY A 35 26.98 20.73 -13.63
C GLY A 35 26.28 19.39 -13.81
N PRO A 36 26.85 18.34 -13.20
CA PRO A 36 26.23 17.01 -13.20
C PRO A 36 24.98 16.92 -12.32
N HIS A 37 24.19 15.88 -12.56
CA HIS A 37 22.93 15.70 -11.86
C HIS A 37 23.11 15.33 -10.40
N VAL A 38 22.13 15.75 -9.60
CA VAL A 38 21.99 15.39 -8.20
C VAL A 38 20.56 14.89 -7.98
N ARG A 39 20.41 13.56 -7.95
CA ARG A 39 19.10 12.91 -7.97
C ARG A 39 18.76 12.16 -6.69
N LEU A 40 17.52 12.30 -6.26
CA LEU A 40 16.95 11.43 -5.23
C LEU A 40 16.08 10.37 -5.88
N TRP A 41 16.26 9.13 -5.45
CA TRP A 41 15.42 8.00 -5.83
C TRP A 41 14.74 7.41 -4.59
N ALA A 42 13.45 7.07 -4.68
CA ALA A 42 12.69 6.61 -3.51
C ALA A 42 12.33 5.14 -3.60
N LYS A 43 12.80 4.36 -2.63
CA LYS A 43 12.47 2.95 -2.53
C LYS A 43 11.18 2.78 -1.69
N LEU A 44 10.08 2.48 -2.39
CA LEU A 44 8.73 2.41 -1.83
C LEU A 44 8.40 1.12 -1.06
N GLU A 45 8.96 1.00 0.14
CA GLU A 45 8.74 -0.15 1.01
C GLU A 45 7.36 -0.20 1.68
N ASP A 46 6.56 0.85 1.53
CA ASP A 46 5.14 0.74 1.79
C ASP A 46 4.33 -0.16 0.81
N ARG A 47 4.91 -0.58 -0.31
CA ARG A 47 4.27 -1.56 -1.21
C ARG A 47 4.62 -2.97 -0.72
N ASN A 48 4.10 -3.32 0.44
CA ASN A 48 4.45 -4.58 1.09
C ASN A 48 3.16 -5.03 1.75
N PRO A 49 2.97 -6.33 1.98
CA PRO A 49 1.72 -6.88 2.52
C PRO A 49 1.00 -6.07 3.59
N THR A 50 1.74 -5.61 4.59
CA THR A 50 1.15 -4.79 5.66
C THR A 50 1.46 -3.31 5.57
N GLY A 51 2.17 -2.90 4.53
CA GLY A 51 2.40 -1.51 4.27
C GLY A 51 3.61 -0.92 4.96
N SER A 52 4.51 -1.78 5.41
CA SER A 52 5.78 -1.32 5.96
C SER A 52 6.94 -2.23 5.57
N ILE A 53 8.14 -1.66 5.68
CA ILE A 53 9.38 -2.37 5.47
C ILE A 53 9.57 -3.59 6.40
N LYS A 54 8.89 -3.61 7.57
CA LYS A 54 9.05 -4.72 8.55
C LYS A 54 8.56 -6.07 8.11
N ASP A 55 7.77 -6.11 7.04
CA ASP A 55 7.42 -7.37 6.41
C ASP A 55 8.62 -8.17 5.96
N ARG A 56 9.69 -7.50 5.53
CA ARG A 56 10.92 -8.19 5.11
C ARG A 56 11.65 -8.94 6.24
N PRO A 57 11.99 -8.26 7.35
CA PRO A 57 12.61 -9.02 8.46
C PRO A 57 11.65 -9.93 9.21
N ALA A 58 10.37 -9.56 9.32
CA ALA A 58 9.42 -10.42 9.99
C ALA A 58 9.39 -11.80 9.33
N VAL A 59 9.25 -11.86 8.02
CA VAL A 59 9.18 -13.14 7.35
C VAL A 59 10.51 -13.89 7.48
N ARG A 60 11.62 -13.18 7.29
CA ARG A 60 12.95 -13.78 7.43
C ARG A 60 13.21 -14.37 8.82
N MET A 61 12.92 -13.61 9.87
CA MET A 61 13.07 -14.10 11.24
C MET A 61 12.28 -15.37 11.56
N ILE A 62 11.10 -15.54 10.93
CA ILE A 62 10.29 -16.74 11.12
C ILE A 62 10.90 -17.94 10.39
N GLU A 63 11.39 -17.71 9.17
CA GLU A 63 12.02 -18.75 8.36
C GLU A 63 13.35 -19.22 8.93
N GLN A 64 14.10 -18.31 9.53
CA GLN A 64 15.34 -18.66 10.21
C GLN A 64 15.07 -19.46 11.49
N ALA A 65 14.17 -18.97 12.33
CA ALA A 65 13.81 -19.67 13.56
C ALA A 65 13.30 -21.09 13.27
N GLU A 66 12.61 -21.25 12.15
CA GLU A 66 12.19 -22.57 11.68
C GLU A 66 13.44 -23.42 11.42
N ALA A 67 14.34 -22.90 10.61
CA ALA A 67 15.60 -23.59 10.22
C ALA A 67 16.53 -23.97 11.39
N ASP A 68 16.58 -23.11 12.40
CA ASP A 68 17.28 -23.38 13.64
C ASP A 68 16.46 -24.25 14.63
N GLY A 69 15.33 -24.80 14.16
CA GLY A 69 14.56 -25.77 14.90
C GLY A 69 13.77 -25.26 16.10
N LEU A 70 13.68 -23.95 16.25
CA LEU A 70 12.92 -23.33 17.34
C LEU A 70 11.39 -23.42 17.13
N LEU A 71 10.94 -23.51 15.88
CA LEU A 71 9.52 -23.38 15.55
C LEU A 71 8.93 -24.66 14.96
N ARG A 72 8.14 -25.37 15.78
CA ARG A 72 7.43 -26.58 15.33
C ARG A 72 5.94 -26.28 15.11
N PRO A 73 5.24 -27.14 14.34
CA PRO A 73 3.86 -26.82 14.00
C PRO A 73 2.98 -26.55 15.22
N GLY A 74 2.20 -25.48 15.16
CA GLY A 74 1.32 -25.08 16.26
C GLY A 74 1.99 -24.23 17.34
N ALA A 75 3.28 -23.94 17.21
CA ALA A 75 4.04 -23.14 18.18
C ALA A 75 3.52 -21.72 18.36
N THR A 76 4.11 -20.96 19.30
CA THR A 76 3.69 -19.59 19.66
C THR A 76 4.87 -18.60 19.69
N ILE A 77 4.69 -17.42 19.08
CA ILE A 77 5.77 -16.40 18.96
C ILE A 77 5.55 -15.18 19.86
N LEU A 78 6.66 -14.58 20.31
CA LEU A 78 6.66 -13.41 21.19
C LEU A 78 7.67 -12.36 20.75
N GLU A 79 7.32 -11.10 20.90
CA GLU A 79 8.25 -10.03 20.52
C GLU A 79 7.90 -8.71 21.21
N PRO A 80 8.93 -7.92 21.58
CA PRO A 80 8.72 -6.51 21.96
C PRO A 80 8.51 -5.55 20.77
N THR A 81 7.25 -5.20 20.54
CA THR A 81 6.86 -4.18 19.59
C THR A 81 5.35 -4.03 19.62
N SER A 82 4.88 -2.79 19.51
CA SER A 82 3.47 -2.49 19.20
C SER A 82 3.28 -1.76 17.88
N GLY A 83 4.33 -1.71 17.08
CA GLY A 83 4.26 -0.99 15.82
C GLY A 83 4.24 -1.88 14.60
N ASN A 84 5.08 -1.49 13.66
CA ASN A 84 5.11 -2.10 12.37
C ASN A 84 5.58 -3.53 12.38
N THR A 85 6.48 -3.88 13.27
CA THR A 85 7.00 -5.22 13.37
C THR A 85 5.94 -6.18 13.88
N GLY A 86 5.18 -5.71 14.87
CA GLY A 86 4.07 -6.44 15.41
C GLY A 86 3.06 -6.83 14.35
N ILE A 87 2.62 -5.83 13.57
CA ILE A 87 1.71 -6.05 12.46
C ILE A 87 2.27 -7.12 11.50
N SER A 88 3.50 -6.92 11.06
CA SER A 88 4.16 -7.82 10.11
C SER A 88 4.21 -9.26 10.61
N LEU A 89 4.63 -9.44 11.86
CA LEU A 89 4.74 -10.77 12.49
C LEU A 89 3.41 -11.48 12.63
N ALA A 90 2.38 -10.71 12.98
CA ALA A 90 1.04 -11.22 13.11
C ALA A 90 0.50 -11.71 11.79
N MET A 91 0.74 -10.96 10.73
CA MET A 91 0.35 -11.40 9.40
C MET A 91 1.11 -12.69 9.12
N ALA A 92 2.41 -12.68 9.33
CA ALA A 92 3.22 -13.79 8.90
C ALA A 92 2.99 -15.05 9.72
N ALA A 93 2.79 -14.90 11.01
CA ALA A 93 2.52 -16.04 11.90
C ALA A 93 1.20 -16.70 11.51
N ARG A 94 0.14 -15.92 11.45
CA ARG A 94 -1.17 -16.40 10.97
C ARG A 94 -1.09 -17.29 9.71
N LEU A 95 -0.29 -16.87 8.73
CA LEU A 95 -0.14 -17.60 7.48
C LEU A 95 0.72 -18.85 7.60
N LYS A 96 1.77 -18.81 8.44
CA LYS A 96 2.60 -20.00 8.74
C LYS A 96 1.99 -20.94 9.82
N GLY A 97 0.74 -20.74 10.20
CA GLY A 97 0.08 -21.59 11.19
C GLY A 97 0.46 -21.37 12.65
N TYR A 98 1.11 -20.25 12.95
CA TYR A 98 1.56 -19.94 14.32
C TYR A 98 0.62 -19.01 15.10
N ARG A 99 0.94 -18.84 16.38
CA ARG A 99 0.18 -18.01 17.30
C ARG A 99 1.09 -16.88 17.73
N LEU A 100 0.52 -15.69 17.96
CA LEU A 100 1.31 -14.53 18.37
C LEU A 100 0.80 -13.88 19.64
N ILE A 101 1.75 -13.32 20.38
CA ILE A 101 1.48 -12.41 21.50
C ILE A 101 2.52 -11.30 21.50
N CYS A 102 2.04 -10.07 21.53
CA CYS A 102 2.90 -8.90 21.41
C CYS A 102 3.07 -8.22 22.74
N VAL A 103 4.09 -7.37 22.77
CA VAL A 103 4.70 -6.85 23.98
C VAL A 103 4.79 -5.32 23.90
N MET A 104 4.05 -4.62 24.78
CA MET A 104 3.83 -3.15 24.67
C MET A 104 3.66 -2.39 26.03
N PRO A 105 3.63 -1.03 26.04
CA PRO A 105 3.27 -0.32 27.31
C PRO A 105 1.76 -0.09 27.52
N GLU A 106 1.38 0.51 28.65
CA GLU A 106 0.02 1.06 28.88
C GLU A 106 -0.24 2.24 27.95
N ASN A 107 0.75 3.14 27.88
CA ASN A 107 0.76 4.34 27.00
C ASN A 107 0.25 4.12 25.58
N THR A 108 0.61 2.96 25.02
CA THR A 108 0.25 2.61 23.65
C THR A 108 -1.25 2.75 23.41
N SER A 109 -1.55 3.41 22.30
CA SER A 109 -2.88 3.86 21.93
C SER A 109 -3.87 2.75 21.61
N VAL A 110 -5.13 3.13 21.55
CA VAL A 110 -6.22 2.24 21.20
C VAL A 110 -6.11 1.87 19.70
N GLU A 111 -5.68 2.81 18.86
CA GLU A 111 -5.45 2.57 17.42
C GLU A 111 -4.53 1.37 17.20
N ARG A 112 -3.30 1.47 17.68
CA ARG A 112 -2.28 0.43 17.54
C ARG A 112 -2.75 -0.90 18.10
N ARG A 113 -3.38 -0.86 19.25
CA ARG A 113 -3.84 -2.04 19.95
C ARG A 113 -4.87 -2.80 19.10
N GLN A 114 -5.84 -2.07 18.58
CA GLN A 114 -6.95 -2.71 17.84
C GLN A 114 -6.50 -3.23 16.48
N LEU A 115 -5.54 -2.55 15.86
CA LEU A 115 -4.96 -2.99 14.61
C LEU A 115 -4.28 -4.36 14.72
N LEU A 116 -3.54 -4.56 15.82
CA LEU A 116 -2.89 -5.85 16.10
C LEU A 116 -3.88 -6.97 16.34
N GLU A 117 -4.98 -6.67 17.04
CA GLU A 117 -5.98 -7.68 17.34
C GLU A 117 -6.73 -8.06 16.07
N LEU A 118 -6.95 -7.06 15.23
CA LEU A 118 -7.54 -7.24 13.91
C LEU A 118 -6.72 -8.22 13.04
N TYR A 119 -5.40 -8.15 13.13
CA TYR A 119 -4.53 -9.13 12.49
C TYR A 119 -4.45 -10.46 13.21
N GLY A 120 -4.89 -10.51 14.46
CA GLY A 120 -5.03 -11.77 15.20
C GLY A 120 -4.05 -11.96 16.33
N ALA A 121 -3.25 -10.93 16.62
CA ALA A 121 -2.32 -10.98 17.75
C ALA A 121 -3.04 -10.91 19.09
N GLN A 122 -2.27 -11.21 20.14
CA GLN A 122 -2.74 -11.14 21.51
C GLN A 122 -1.77 -10.30 22.33
N ILE A 123 -2.21 -9.93 23.53
CA ILE A 123 -1.89 -8.61 24.05
C ILE A 123 -1.24 -8.68 25.45
N ILE A 124 -0.07 -8.03 25.59
CA ILE A 124 0.69 -7.99 26.85
C ILE A 124 1.40 -6.65 26.94
N PHE A 125 1.19 -5.95 28.06
CA PHE A 125 1.65 -4.58 28.15
C PHE A 125 2.03 -4.04 29.53
N SER A 126 3.07 -3.19 29.54
CA SER A 126 3.52 -2.43 30.71
C SER A 126 4.52 -1.32 30.35
N SER A 132 7.58 -1.54 27.86
CA SER A 132 8.56 -1.89 26.82
C SER A 132 9.51 -3.02 27.21
N ASN A 133 9.97 -3.02 28.46
CA ASN A 133 10.98 -3.97 28.98
C ASN A 133 10.42 -4.98 29.99
N THR A 134 9.45 -4.52 30.80
CA THR A 134 8.50 -5.39 31.51
C THR A 134 7.90 -6.36 30.51
N ALA A 135 7.48 -5.78 29.39
CA ALA A 135 6.83 -6.52 28.34
C ALA A 135 7.82 -7.52 27.63
N VAL A 136 9.08 -7.12 27.42
CA VAL A 136 10.19 -8.03 26.96
C VAL A 136 10.36 -9.19 27.95
N ALA A 137 10.34 -8.87 29.24
CA ALA A 137 10.52 -9.84 30.32
C ALA A 137 9.34 -10.80 30.48
N THR A 138 8.11 -10.25 30.37
CA THR A 138 6.88 -11.05 30.38
C THR A 138 6.98 -12.11 29.31
N ALA A 139 7.41 -11.69 28.12
CA ALA A 139 7.59 -12.59 26.99
C ALA A 139 8.63 -13.71 27.22
N LYS A 140 9.77 -13.31 27.76
CA LYS A 140 10.81 -14.23 28.20
C LYS A 140 10.26 -15.32 29.09
N GLU A 141 9.39 -14.91 30.00
CA GLU A 141 8.68 -15.81 30.92
C GLU A 141 7.79 -16.82 30.17
N LEU A 142 7.10 -16.34 29.14
CA LEU A 142 6.20 -17.17 28.32
C LEU A 142 6.95 -18.18 27.43
N ALA A 143 8.17 -17.86 27.02
CA ALA A 143 9.08 -18.85 26.39
C ALA A 143 9.62 -19.91 27.37
N ALA A 144 9.87 -19.47 28.61
CA ALA A 144 10.24 -20.34 29.72
C ALA A 144 9.07 -21.21 30.20
N THR A 145 7.82 -20.83 29.89
CA THR A 145 6.63 -21.63 30.25
C THR A 145 6.76 -22.99 29.57
N ASN A 146 6.80 -22.96 28.25
CA ASN A 146 7.04 -24.15 27.45
C ASN A 146 8.08 -23.82 26.35
N PRO A 147 9.06 -24.74 26.15
CA PRO A 147 10.20 -24.46 25.26
C PRO A 147 9.79 -24.12 23.81
N SER A 148 8.55 -24.48 23.43
CA SER A 148 8.01 -24.23 22.09
C SER A 148 7.43 -22.83 21.90
N TRP A 149 7.72 -21.89 22.82
CA TRP A 149 7.29 -20.50 22.73
C TRP A 149 8.55 -19.65 22.52
N VAL A 150 8.61 -18.89 21.44
CA VAL A 150 9.88 -18.31 20.97
C VAL A 150 9.82 -16.79 20.93
N MET A 151 10.93 -16.13 21.23
CA MET A 151 11.06 -14.69 21.07
C MET A 151 12.12 -14.36 20.03
N LEU A 152 11.70 -13.73 18.94
CA LEU A 152 12.56 -13.54 17.77
C LEU A 152 13.66 -12.48 17.94
N TYR A 153 13.40 -11.48 18.78
CA TYR A 153 14.36 -10.42 19.10
C TYR A 153 14.95 -9.66 17.88
N GLN A 154 14.10 -8.90 17.20
CA GLN A 154 14.46 -8.11 16.01
C GLN A 154 15.66 -7.19 16.19
N TYR A 155 15.82 -6.69 17.42
CA TYR A 155 16.96 -5.84 17.78
C TYR A 155 18.31 -6.59 17.78
N GLY A 156 18.29 -7.88 18.15
CA GLY A 156 19.48 -8.73 18.10
C GLY A 156 19.60 -9.66 16.90
N ASN A 157 18.47 -10.06 16.32
CA ASN A 157 18.40 -11.17 15.35
C ASN A 157 19.08 -10.85 14.02
N PRO A 158 20.13 -11.63 13.65
CA PRO A 158 20.78 -11.40 12.33
C PRO A 158 19.88 -11.60 11.11
N ALA A 159 18.79 -12.35 11.25
CA ALA A 159 17.82 -12.50 10.17
C ALA A 159 17.18 -11.17 9.76
N ASN A 160 17.02 -10.25 10.70
CA ASN A 160 16.63 -8.87 10.40
C ASN A 160 17.60 -8.20 9.41
N THR A 161 18.87 -8.20 9.76
CA THR A 161 19.93 -7.72 8.86
C THR A 161 20.01 -8.50 7.56
N ASP A 162 19.77 -9.81 7.63
CA ASP A 162 19.85 -10.67 6.45
C ASP A 162 18.78 -10.34 5.44
N SER A 163 17.59 -9.96 5.90
CA SER A 163 16.48 -9.69 4.97
C SER A 163 16.79 -8.53 4.01
N HIS A 164 17.54 -7.53 4.50
CA HIS A 164 17.96 -6.39 3.66
C HIS A 164 19.19 -6.69 2.84
N TYR A 165 20.06 -7.52 3.40
CA TYR A 165 21.24 -8.02 2.69
C TYR A 165 20.85 -8.85 1.49
N CYS A 166 19.87 -9.73 1.68
CA CYS A 166 19.40 -10.66 0.62
C CYS A 166 18.28 -10.13 -0.29
N GLY A 167 17.65 -9.00 0.08
CA GLY A 167 16.56 -8.44 -0.71
C GLY A 167 16.75 -7.00 -1.12
N THR A 168 16.58 -6.12 -0.14
CA THR A 168 16.66 -4.68 -0.35
C THR A 168 17.89 -4.23 -1.17
N GLY A 169 19.08 -4.65 -0.73
CA GLY A 169 20.34 -4.27 -1.40
C GLY A 169 20.43 -4.72 -2.85
N PRO A 170 20.21 -6.01 -3.09
CA PRO A 170 20.23 -6.54 -4.45
C PRO A 170 19.26 -5.84 -5.38
N GLU A 171 18.07 -5.52 -4.88
CA GLU A 171 17.07 -4.79 -5.67
C GLU A 171 17.52 -3.35 -5.99
N LEU A 172 18.11 -2.68 -5.02
CA LEU A 172 18.65 -1.33 -5.27
C LEU A 172 19.73 -1.35 -6.33
N LEU A 173 20.74 -2.17 -6.11
CA LEU A 173 21.88 -2.27 -7.05
C LEU A 173 21.41 -2.60 -8.46
N ALA A 174 20.37 -3.42 -8.55
CA ALA A 174 19.83 -3.83 -9.84
C ALA A 174 19.16 -2.66 -10.54
N ASP A 175 18.31 -1.94 -9.81
CA ASP A 175 17.64 -0.74 -10.33
C ASP A 175 18.60 0.44 -10.51
N LEU A 176 19.62 0.55 -9.66
CA LEU A 176 20.46 1.76 -9.57
C LEU A 176 21.93 1.41 -9.45
N PRO A 177 22.50 0.83 -10.54
CA PRO A 177 23.95 0.49 -10.52
C PRO A 177 24.83 1.70 -10.23
N GLU A 178 24.39 2.86 -10.70
CA GLU A 178 25.11 4.10 -10.54
C GLU A 178 24.93 4.80 -9.18
N ILE A 179 24.28 4.13 -8.22
CA ILE A 179 24.08 4.66 -6.88
C ILE A 179 25.35 5.24 -6.24
N THR A 180 25.22 6.39 -5.58
CA THR A 180 26.31 7.00 -4.80
C THR A 180 26.04 7.03 -3.29
N HIS A 181 24.76 7.15 -2.89
CA HIS A 181 24.39 7.19 -1.47
C HIS A 181 23.12 6.39 -1.20
N PHE A 182 23.07 5.81 0.00
CA PHE A 182 21.86 5.15 0.48
C PHE A 182 21.50 5.78 1.80
N VAL A 183 20.32 6.38 1.85
CA VAL A 183 19.82 7.02 3.08
C VAL A 183 18.58 6.28 3.66
N ALA A 184 18.59 6.03 4.97
CA ALA A 184 17.53 5.32 5.66
C ALA A 184 17.49 5.64 7.15
N GLY A 185 16.31 5.48 7.74
CA GLY A 185 16.14 5.63 9.17
C GLY A 185 16.85 4.53 9.95
N LEU A 186 17.32 4.89 11.13
CA LEU A 186 18.04 3.99 12.01
C LEU A 186 17.19 3.69 13.25
N GLY A 187 16.58 2.50 13.30
CA GLY A 187 15.77 2.05 14.45
C GLY A 187 16.37 0.79 15.05
N THR A 188 16.00 -0.37 14.53
CA THR A 188 16.67 -1.63 14.87
C THR A 188 18.07 -1.70 14.29
N THR A 189 18.27 -0.93 13.22
CA THR A 189 19.53 -0.83 12.42
C THR A 189 19.59 -1.82 11.32
N GLY A 190 18.65 -2.76 11.29
CA GLY A 190 18.58 -3.77 10.19
C GLY A 190 18.76 -3.21 8.80
N THR A 191 17.96 -2.19 8.45
CA THR A 191 17.95 -1.64 7.09
C THR A 191 19.34 -1.14 6.67
N LEU A 192 19.92 -0.30 7.51
CA LEU A 192 21.23 0.29 7.19
C LEU A 192 22.36 -0.73 7.20
N MET A 193 22.40 -1.58 8.24
CA MET A 193 23.42 -2.63 8.34
C MET A 193 23.38 -3.58 7.15
N GLY A 194 22.21 -4.16 6.90
CA GLY A 194 22.05 -5.16 5.86
C GLY A 194 22.25 -4.61 4.46
N THR A 195 21.65 -3.46 4.18
CA THR A 195 21.69 -2.89 2.85
C THR A 195 23.07 -2.28 2.60
N GLY A 196 23.63 -1.69 3.65
CA GLY A 196 24.95 -1.06 3.60
C GLY A 196 26.10 -2.03 3.46
N ARG A 197 26.07 -3.12 4.23
CA ARG A 197 27.05 -4.22 4.05
C ARG A 197 27.08 -4.70 2.59
N PHE A 198 25.91 -4.98 2.04
CA PHE A 198 25.80 -5.43 0.67
C PHE A 198 26.29 -4.37 -0.30
N LEU A 199 25.85 -3.14 -0.16
CA LEU A 199 26.22 -2.11 -1.15
C LEU A 199 27.70 -1.81 -1.18
N ARG A 200 28.34 -1.89 -0.01
CA ARG A 200 29.79 -1.67 0.10
C ARG A 200 30.63 -2.69 -0.66
N GLU A 201 30.25 -3.96 -0.52
CA GLU A 201 30.85 -5.05 -1.30
C GLU A 201 30.84 -4.80 -2.83
N HIS A 202 29.81 -4.16 -3.37
CA HIS A 202 29.67 -3.99 -4.83
C HIS A 202 29.97 -2.61 -5.34
N VAL A 203 29.71 -1.59 -4.53
CA VAL A 203 29.94 -0.20 -4.91
C VAL A 203 30.87 0.34 -3.83
N ALA A 204 32.16 0.37 -4.14
CA ALA A 204 33.19 0.67 -3.16
C ALA A 204 33.01 2.07 -2.56
N ASN A 205 32.79 3.05 -3.42
CA ASN A 205 32.63 4.45 -3.00
C ASN A 205 31.24 4.84 -2.44
N VAL A 206 30.37 3.86 -2.17
CA VAL A 206 29.03 4.17 -1.73
C VAL A 206 29.11 4.80 -0.34
N LYS A 207 28.24 5.77 -0.10
CA LYS A 207 28.09 6.37 1.21
C LYS A 207 26.75 5.95 1.86
N ILE A 208 26.82 5.50 3.10
CA ILE A 208 25.67 4.97 3.83
C ILE A 208 25.35 5.93 4.94
N VAL A 209 24.28 6.73 4.71
CA VAL A 209 23.87 7.82 5.60
C VAL A 209 22.67 7.42 6.43
N ALA A 210 22.74 7.70 7.72
CA ALA A 210 21.66 7.41 8.66
C ALA A 210 20.90 8.68 9.06
N ALA A 211 19.59 8.55 9.24
CA ALA A 211 18.73 9.62 9.78
C ALA A 211 18.17 9.11 11.10
N GLU A 212 18.14 9.95 12.13
CA GLU A 212 17.64 9.54 13.45
C GLU A 212 16.99 10.70 14.20
N PRO A 213 16.25 10.41 15.29
CA PRO A 213 15.62 11.51 16.06
C PRO A 213 16.59 12.14 17.04
N ARG A 214 16.41 13.44 17.31
CA ARG A 214 17.08 14.13 18.44
C ARG A 214 16.56 13.60 19.78
N TYR A 215 17.46 13.45 20.74
CA TYR A 215 17.13 13.03 22.11
C TYR A 215 16.52 14.20 22.87
N PRO A 231 21.59 -1.47 19.57
CA PRO A 231 21.24 -2.85 19.22
C PRO A 231 22.47 -3.69 18.89
N GLU A 232 22.37 -4.99 19.20
CA GLU A 232 23.46 -5.95 18.96
C GLU A 232 23.83 -6.04 17.48
N LEU A 233 22.87 -5.75 16.60
CA LEU A 233 23.09 -5.69 15.14
C LEU A 233 23.97 -4.55 14.67
N TYR A 234 24.07 -3.52 15.49
CA TYR A 234 24.79 -2.33 15.10
C TYR A 234 26.28 -2.60 14.90
N ASP A 235 26.81 -2.10 13.79
CA ASP A 235 28.24 -2.09 13.52
C ASP A 235 28.60 -0.69 12.97
N PRO A 236 29.36 0.11 13.74
CA PRO A 236 29.71 1.50 13.36
C PRO A 236 30.53 1.70 12.10
N GLU A 237 31.33 0.70 11.73
CA GLU A 237 32.17 0.74 10.52
C GLU A 237 31.39 1.16 9.27
N ILE A 238 30.16 0.67 9.17
CA ILE A 238 29.29 0.78 8.02
C ILE A 238 28.77 2.21 7.68
N LEU A 239 28.50 3.05 8.67
CA LEU A 239 27.95 4.39 8.38
C LEU A 239 29.04 5.36 7.98
N THR A 240 28.75 6.24 7.01
CA THR A 240 29.66 7.36 6.65
C THR A 240 29.14 8.67 7.24
N ALA A 241 27.87 8.71 7.68
CA ALA A 241 27.31 9.92 8.25
C ALA A 241 26.11 9.60 9.11
N ARG A 242 25.78 10.54 10.00
CA ARG A 242 24.61 10.47 10.85
C ARG A 242 24.00 11.85 10.97
N TYR A 243 22.69 11.91 10.84
CA TYR A 243 21.94 13.13 10.86
C TYR A 243 20.93 13.00 11.97
N SER A 244 20.88 14.01 12.80
CA SER A 244 19.88 14.07 13.84
C SER A 244 18.84 15.04 13.34
N VAL A 245 17.60 14.59 13.29
CA VAL A 245 16.55 15.35 12.67
C VAL A 245 15.51 15.71 13.69
N GLY A 246 15.08 16.96 13.65
CA GLY A 246 14.06 17.45 14.55
C GLY A 246 12.69 17.13 14.01
N ALA A 247 11.74 17.02 14.92
CA ALA A 247 10.34 16.79 14.55
C ALA A 247 9.81 17.79 13.49
N VAL A 248 10.07 19.08 13.66
CA VAL A 248 9.55 20.08 12.73
C VAL A 248 10.10 19.87 11.31
N ASP A 249 11.41 19.63 11.23
CA ASP A 249 12.06 19.28 9.96
C ASP A 249 11.41 18.05 9.30
N ALA A 250 11.29 16.97 10.08
CA ALA A 250 10.66 15.72 9.60
C ALA A 250 9.29 15.94 8.96
N VAL A 251 8.40 16.56 9.71
CA VAL A 251 7.01 16.79 9.28
C VAL A 251 6.92 17.63 8.02
N ARG A 252 7.58 18.77 8.05
CA ARG A 252 7.73 19.65 6.88
C ARG A 252 8.13 18.88 5.60
N ARG A 253 9.13 17.99 5.72
CA ARG A 253 9.62 17.23 4.58
C ARG A 253 8.61 16.24 4.06
N THR A 254 7.98 15.56 5.00
CA THR A 254 6.88 14.65 4.69
C THR A 254 5.85 15.38 3.83
N ARG A 255 5.43 16.55 4.31
CA ARG A 255 4.42 17.36 3.64
C ARG A 255 4.88 17.80 2.25
N GLU A 256 6.11 18.30 2.17
CA GLU A 256 6.71 18.68 0.89
C GLU A 256 6.67 17.48 -0.03
N LEU A 257 6.97 16.29 0.50
CA LEU A 257 7.06 15.11 -0.35
C LEU A 257 5.73 14.72 -1.01
N VAL A 258 4.61 14.83 -0.29
CA VAL A 258 3.30 14.52 -0.88
C VAL A 258 2.79 15.65 -1.81
N HIS A 259 2.97 16.92 -1.41
CA HIS A 259 2.62 18.10 -2.25
C HIS A 259 3.32 18.09 -3.60
N THR A 260 4.62 17.82 -3.56
CA THR A 260 5.48 17.94 -4.73
C THR A 260 5.56 16.67 -5.56
N GLU A 261 5.65 15.52 -4.90
CA GLU A 261 5.86 14.23 -5.60
C GLU A 261 4.69 13.26 -5.64
N GLY A 262 3.60 13.58 -4.97
CA GLY A 262 2.45 12.67 -4.87
C GLY A 262 2.67 11.37 -4.12
N ILE A 263 3.66 11.34 -3.21
CA ILE A 263 3.95 10.18 -2.38
C ILE A 263 3.61 10.46 -0.91
N PHE A 264 2.60 9.76 -0.39
CA PHE A 264 2.04 10.00 0.94
C PHE A 264 2.75 9.10 1.96
N ALA A 265 3.88 9.56 2.49
CA ALA A 265 4.72 8.71 3.34
C ALA A 265 4.53 8.95 4.80
N GLY A 266 5.09 8.04 5.60
CA GLY A 266 5.12 8.23 7.04
C GLY A 266 6.21 9.19 7.48
N ILE A 267 6.17 9.54 8.76
CA ILE A 267 7.05 10.55 9.36
C ILE A 267 8.54 10.23 9.29
N SER A 268 8.90 8.95 9.38
CA SER A 268 10.31 8.60 9.29
C SER A 268 10.87 8.92 7.90
N THR A 269 10.00 8.91 6.87
CA THR A 269 10.42 9.26 5.53
C THR A 269 10.81 10.73 5.49
N GLY A 270 10.05 11.58 6.17
CA GLY A 270 10.43 12.97 6.35
C GLY A 270 11.84 13.17 6.88
N ALA A 271 12.19 12.43 7.94
CA ALA A 271 13.53 12.51 8.50
C ALA A 271 14.57 12.13 7.45
N VAL A 272 14.34 10.98 6.82
CA VAL A 272 15.20 10.45 5.79
C VAL A 272 15.39 11.45 4.65
N LEU A 273 14.30 12.07 4.23
CA LEU A 273 14.36 13.03 3.14
C LEU A 273 15.14 14.28 3.51
N HIS A 274 15.00 14.69 4.76
CA HIS A 274 15.71 15.88 5.24
C HIS A 274 17.22 15.62 5.11
N ALA A 275 17.65 14.45 5.58
CA ALA A 275 19.05 14.04 5.51
C ALA A 275 19.53 13.92 4.10
N ALA A 276 18.70 13.35 3.24
CA ALA A 276 19.01 13.19 1.82
C ALA A 276 19.13 14.52 1.06
N LEU A 277 18.39 15.54 1.48
CA LEU A 277 18.54 16.90 0.93
C LEU A 277 19.83 17.59 1.39
N GLY A 278 20.30 17.30 2.60
CA GLY A 278 21.61 17.78 3.05
C GLY A 278 22.77 17.26 2.21
N VAL A 279 22.88 15.93 2.20
CA VAL A 279 23.76 15.20 1.32
C VAL A 279 23.71 15.75 -0.11
N GLY A 280 22.51 15.85 -0.65
CA GLY A 280 22.30 16.36 -2.02
C GLY A 280 22.82 17.76 -2.25
N ALA A 281 22.59 18.66 -1.31
CA ALA A 281 23.10 20.03 -1.38
C ALA A 281 24.64 20.08 -1.31
N GLY A 282 25.22 19.18 -0.50
CA GLY A 282 26.65 18.91 -0.52
C GLY A 282 27.16 18.66 -1.93
N ALA A 283 26.67 17.61 -2.55
CA ALA A 283 27.11 17.24 -3.91
C ALA A 283 26.95 18.38 -4.95
N LEU A 284 25.87 19.12 -4.83
CA LEU A 284 25.64 20.23 -5.72
C LEU A 284 26.67 21.35 -5.54
N ALA A 285 26.97 21.68 -4.29
CA ALA A 285 27.92 22.75 -3.97
C ALA A 285 29.32 22.39 -4.45
N ALA A 286 29.73 21.14 -4.23
CA ALA A 286 31.02 20.59 -4.70
C ALA A 286 31.05 20.08 -6.17
N GLY A 287 30.07 20.45 -6.98
CA GLY A 287 30.02 20.07 -8.39
C GLY A 287 30.13 18.60 -8.75
N GLU A 288 29.66 17.71 -7.86
CA GLU A 288 29.75 16.25 -8.06
C GLU A 288 28.40 15.65 -8.46
N ARG A 289 28.48 14.50 -9.13
CA ARG A 289 27.30 13.67 -9.39
C ARG A 289 26.81 13.09 -8.07
N ALA A 290 25.50 12.84 -8.02
CA ALA A 290 24.91 12.08 -6.93
C ALA A 290 23.67 11.34 -7.42
N ASP A 291 23.57 10.06 -7.09
CA ASP A 291 22.32 9.33 -7.18
C ASP A 291 22.04 8.76 -5.83
N ILE A 292 21.11 9.39 -5.14
CA ILE A 292 20.85 9.15 -3.72
C ILE A 292 19.58 8.35 -3.57
N ALA A 293 19.70 7.10 -3.14
CA ALA A 293 18.54 6.25 -2.90
C ALA A 293 18.13 6.45 -1.47
N LEU A 294 16.84 6.61 -1.25
CA LEU A 294 16.30 6.78 0.08
C LEU A 294 15.07 5.89 0.27
N VAL A 295 14.91 5.38 1.49
CA VAL A 295 13.89 4.41 1.86
C VAL A 295 12.59 5.10 2.31
N VAL A 296 11.50 4.83 1.61
CA VAL A 296 10.15 5.18 2.07
C VAL A 296 9.63 3.94 2.79
N ALA A 297 9.64 3.95 4.11
CA ALA A 297 9.49 2.73 4.92
C ALA A 297 8.06 2.32 5.17
N ASP A 298 7.19 3.32 5.32
CA ASP A 298 5.74 3.09 5.38
C ASP A 298 5.01 4.32 4.84
N ALA A 299 3.69 4.26 4.85
CA ALA A 299 2.87 5.31 4.30
C ALA A 299 2.31 6.11 5.43
N GLY A 300 1.68 7.22 5.07
CA GLY A 300 1.18 8.17 6.03
C GLY A 300 -0.15 7.81 6.67
N TRP A 301 -0.83 6.80 6.15
CA TRP A 301 -2.18 6.40 6.62
C TRP A 301 -2.30 6.33 8.14
N LYS A 302 -1.47 5.51 8.78
CA LYS A 302 -1.59 5.35 10.23
C LYS A 302 -1.11 6.57 11.05
N TYR A 303 -0.60 7.62 10.42
CA TYR A 303 -0.13 8.84 11.12
C TYR A 303 -1.05 10.04 10.93
N LEU A 304 -2.15 9.81 10.24
CA LEU A 304 -3.04 10.88 9.77
C LEU A 304 -3.92 11.38 10.89
N SER A 305 -4.42 10.43 11.68
CA SER A 305 -5.19 10.67 12.90
C SER A 305 -4.50 11.66 13.87
N THR A 306 -3.17 11.78 13.80
CA THR A 306 -2.39 12.74 14.61
C THR A 306 -2.45 14.18 14.09
N GLY A 307 -3.29 14.45 13.08
CA GLY A 307 -3.38 15.79 12.50
C GLY A 307 -2.13 16.33 11.79
N ALA A 308 -0.97 15.71 12.04
CA ALA A 308 0.34 16.19 11.61
C ALA A 308 0.51 16.58 10.13
N TYR A 309 -0.37 16.11 9.25
CA TYR A 309 -0.32 16.49 7.83
C TYR A 309 -1.00 17.85 7.53
N ALA A 310 -1.88 18.28 8.44
CA ALA A 310 -2.54 19.60 8.36
C ALA A 310 -2.26 20.49 9.57
N GLY A 311 -2.66 21.74 9.45
CA GLY A 311 -2.54 22.72 10.52
C GLY A 311 -1.15 23.31 10.54
N SER A 312 -0.79 23.89 11.68
CA SER A 312 0.54 24.47 11.85
C SER A 312 1.53 23.34 12.10
N LEU A 313 2.79 23.58 11.75
CA LEU A 313 3.86 22.65 12.03
C LEU A 313 4.15 22.54 13.52
N ASP A 314 3.95 23.63 14.27
CA ASP A 314 4.14 23.57 15.75
C ASP A 314 3.03 22.75 16.42
N ASP A 315 1.79 22.85 15.92
CA ASP A 315 0.68 21.96 16.35
C ASP A 315 1.03 20.52 16.08
N ALA A 316 1.42 20.25 14.83
CA ALA A 316 1.85 18.92 14.42
C ALA A 316 3.00 18.38 15.26
N GLU A 317 3.96 19.24 15.63
CA GLU A 317 5.12 18.80 16.43
C GLU A 317 4.73 18.35 17.83
N THR A 318 3.88 19.12 18.49
CA THR A 318 3.38 18.80 19.82
C THR A 318 2.31 17.69 19.74
N ALA A 319 1.54 17.65 18.64
CA ALA A 319 0.55 16.57 18.41
C ALA A 319 1.15 15.18 18.14
N LEU A 320 2.45 15.10 17.83
CA LEU A 320 3.14 13.81 17.66
C LEU A 320 3.67 13.23 18.95
N GLU A 321 4.12 14.07 19.86
CA GLU A 321 4.69 13.60 21.12
C GLU A 321 3.61 13.09 22.08
N ALA B 5 12.30 -2.52 -12.29
CA ALA B 5 11.49 -1.70 -11.41
C ALA B 5 12.02 -0.30 -11.18
N ARG B 6 12.62 0.32 -12.18
CA ARG B 6 13.18 1.66 -12.02
C ARG B 6 12.34 2.57 -12.90
N TYR B 7 11.72 3.55 -12.25
CA TYR B 7 10.76 4.42 -12.89
C TYR B 7 11.17 5.85 -12.67
N ASP B 8 11.21 6.61 -13.75
CA ASP B 8 11.57 8.03 -13.66
C ASP B 8 10.41 8.88 -13.15
N SER B 9 9.26 8.25 -12.94
CA SER B 9 8.09 8.93 -12.37
C SER B 9 7.16 7.90 -11.70
N LEU B 10 6.48 8.37 -10.65
CA LEU B 10 5.53 7.54 -9.93
C LEU B 10 4.42 7.00 -10.82
N LEU B 11 4.06 7.75 -11.87
CA LEU B 11 3.00 7.35 -12.82
C LEU B 11 3.22 6.03 -13.53
N GLN B 12 4.47 5.63 -13.65
CA GLN B 12 4.80 4.35 -14.24
C GLN B 12 4.76 3.25 -13.21
N ALA B 13 4.89 3.60 -11.92
CA ALA B 13 4.91 2.59 -10.87
C ALA B 13 3.48 2.21 -10.54
N LEU B 14 2.79 1.64 -11.53
CA LEU B 14 1.34 1.60 -11.56
C LEU B 14 0.92 0.33 -12.22
N GLY B 15 -0.09 -0.32 -11.67
CA GLY B 15 -0.46 -1.60 -12.18
C GLY B 15 0.58 -2.66 -11.87
N ASN B 16 0.51 -3.76 -12.61
CA ASN B 16 1.36 -4.93 -12.35
C ASN B 16 1.23 -5.40 -10.91
N THR B 17 -0.01 -5.37 -10.42
CA THR B 17 -0.34 -5.66 -9.05
C THR B 17 -0.36 -7.16 -8.86
N PRO B 18 -0.03 -7.63 -7.65
CA PRO B 18 0.03 -9.06 -7.41
C PRO B 18 -1.33 -9.76 -7.30
N LEU B 19 -1.34 -11.03 -7.68
CA LEU B 19 -2.49 -11.91 -7.47
C LEU B 19 -2.10 -12.99 -6.44
N VAL B 20 -2.89 -13.11 -5.35
CA VAL B 20 -2.54 -13.92 -4.18
C VAL B 20 -3.65 -14.89 -3.83
N GLY B 21 -3.29 -16.15 -3.70
CA GLY B 21 -4.26 -17.19 -3.38
C GLY B 21 -4.71 -17.07 -1.93
N LEU B 22 -6.01 -17.14 -1.71
CA LEU B 22 -6.58 -17.14 -0.36
C LEU B 22 -6.87 -18.56 0.09
N GLN B 23 -5.88 -19.22 0.70
CA GLN B 23 -5.95 -20.66 0.95
C GLN B 23 -6.84 -21.05 2.09
N ARG B 24 -6.82 -20.27 3.15
CA ARG B 24 -7.67 -20.55 4.30
C ARG B 24 -9.14 -20.24 4.02
N LEU B 25 -9.39 -19.20 3.26
CA LEU B 25 -10.75 -18.70 3.06
C LEU B 25 -11.42 -19.29 1.83
N SER B 26 -10.63 -19.86 0.93
CA SER B 26 -11.17 -20.59 -0.22
C SER B 26 -12.04 -21.74 0.29
N PRO B 27 -13.21 -21.97 -0.35
CA PRO B 27 -14.06 -23.13 -0.03
C PRO B 27 -13.32 -24.46 -0.08
N ARG B 28 -12.46 -24.66 -1.09
CA ARG B 28 -11.61 -25.84 -1.19
C ARG B 28 -10.34 -25.47 -1.98
N TRP B 29 -9.25 -25.26 -1.24
CA TRP B 29 -7.98 -24.96 -1.90
C TRP B 29 -7.35 -26.16 -2.61
N ASP B 30 -7.37 -27.33 -1.97
CA ASP B 30 -6.80 -28.54 -2.57
C ASP B 30 -7.86 -29.38 -3.30
N ASP B 31 -7.52 -29.84 -4.51
CA ASP B 31 -8.31 -30.87 -5.21
C ASP B 31 -8.27 -32.13 -4.34
N GLY B 32 -9.37 -32.88 -4.28
CA GLY B 32 -9.42 -34.06 -3.43
C GLY B 32 -10.48 -35.10 -3.72
N ARG B 33 -10.63 -36.00 -2.75
CA ARG B 33 -11.64 -37.06 -2.75
C ARG B 33 -13.07 -36.49 -2.86
N ASP B 34 -13.31 -35.38 -2.16
CA ASP B 34 -14.65 -34.76 -2.10
C ASP B 34 -14.95 -33.92 -3.34
N GLY B 35 -13.93 -33.59 -4.12
CA GLY B 35 -14.11 -32.96 -5.44
C GLY B 35 -12.95 -32.08 -5.91
N PRO B 36 -13.16 -31.38 -7.05
CA PRO B 36 -12.17 -30.40 -7.54
C PRO B 36 -12.09 -29.12 -6.68
N HIS B 37 -11.01 -28.37 -6.86
CA HIS B 37 -10.77 -27.17 -6.05
C HIS B 37 -11.69 -26.03 -6.41
N VAL B 38 -11.97 -25.23 -5.37
CA VAL B 38 -12.73 -24.00 -5.48
C VAL B 38 -11.92 -22.90 -4.80
N ARG B 39 -11.21 -22.11 -5.61
CA ARG B 39 -10.19 -21.18 -5.14
C ARG B 39 -10.54 -19.72 -5.36
N LEU B 40 -10.26 -18.90 -4.35
CA LEU B 40 -10.28 -17.45 -4.50
C LEU B 40 -8.88 -16.94 -4.66
N TRP B 41 -8.71 -16.06 -5.63
CA TRP B 41 -7.46 -15.35 -5.86
C TRP B 41 -7.72 -13.84 -5.67
N ALA B 42 -6.82 -13.10 -5.02
CA ALA B 42 -7.04 -11.67 -4.72
C ALA B 42 -6.10 -10.75 -5.50
N LYS B 43 -6.67 -9.88 -6.33
CA LYS B 43 -5.92 -8.89 -7.08
C LYS B 43 -5.76 -7.58 -6.26
N LEU B 44 -4.56 -7.40 -5.73
CA LEU B 44 -4.25 -6.35 -4.76
C LEU B 44 -4.01 -4.97 -5.37
N GLU B 45 -5.09 -4.34 -5.78
CA GLU B 45 -5.05 -3.01 -6.40
C GLU B 45 -4.77 -1.89 -5.42
N ASP B 46 -4.72 -2.20 -4.13
CA ASP B 46 -4.14 -1.28 -3.16
C ASP B 46 -2.62 -1.08 -3.28
N ARG B 47 -1.91 -1.92 -4.06
CA ARG B 47 -0.48 -1.69 -4.35
C ARG B 47 -0.36 -0.76 -5.55
N ASN B 48 -0.76 0.48 -5.37
CA ASN B 48 -0.83 1.44 -6.46
C ASN B 48 -0.44 2.76 -5.79
N PRO B 49 0.06 3.72 -6.57
CA PRO B 49 0.61 4.97 -6.02
C PRO B 49 -0.17 5.57 -4.86
N THR B 50 -1.48 5.65 -4.98
CA THR B 50 -2.32 6.24 -3.94
C THR B 50 -3.10 5.23 -3.15
N GLY B 51 -2.91 3.97 -3.42
CA GLY B 51 -3.49 2.93 -2.62
C GLY B 51 -4.87 2.49 -3.04
N SER B 52 -5.28 2.84 -4.27
CA SER B 52 -6.54 2.39 -4.81
C SER B 52 -6.43 2.10 -6.30
N ILE B 53 -7.42 1.33 -6.74
CA ILE B 53 -7.57 0.99 -8.13
C ILE B 53 -7.77 2.19 -9.06
N LYS B 54 -8.25 3.31 -8.54
CA LYS B 54 -8.53 4.51 -9.39
C LYS B 54 -7.32 5.16 -10.01
N ASP B 55 -6.14 4.82 -9.53
CA ASP B 55 -4.92 5.23 -10.17
C ASP B 55 -4.86 4.79 -11.64
N ARG B 56 -5.40 3.61 -11.95
CA ARG B 56 -5.42 3.13 -13.34
C ARG B 56 -6.26 3.98 -14.33
N PRO B 57 -7.57 4.21 -14.06
CA PRO B 57 -8.31 5.09 -14.93
C PRO B 57 -7.89 6.54 -14.83
N ALA B 58 -7.47 6.99 -13.67
CA ALA B 58 -7.07 8.40 -13.55
C ALA B 58 -5.96 8.74 -14.54
N VAL B 59 -4.91 7.94 -14.56
CA VAL B 59 -3.79 8.20 -15.45
C VAL B 59 -4.23 8.05 -16.91
N ARG B 60 -5.00 7.00 -17.21
CA ARG B 60 -5.52 6.79 -18.58
C ARG B 60 -6.39 7.97 -19.09
N MET B 61 -7.35 8.41 -18.29
CA MET B 61 -8.20 9.54 -18.65
C MET B 61 -7.42 10.84 -18.94
N ILE B 62 -6.30 11.05 -18.26
CA ILE B 62 -5.47 12.22 -18.52
C ILE B 62 -4.69 12.08 -19.84
N GLU B 63 -4.19 10.88 -20.11
CA GLU B 63 -3.44 10.59 -21.33
C GLU B 63 -4.32 10.60 -22.57
N GLN B 64 -5.57 10.16 -22.44
CA GLN B 64 -6.53 10.23 -23.54
C GLN B 64 -6.93 11.67 -23.82
N ALA B 65 -7.28 12.43 -22.78
CA ALA B 65 -7.64 13.84 -22.95
C ALA B 65 -6.52 14.66 -23.58
N GLU B 66 -5.27 14.31 -23.27
CA GLU B 66 -4.09 14.89 -23.92
C GLU B 66 -4.11 14.58 -25.41
N ALA B 67 -4.25 13.30 -25.73
CA ALA B 67 -4.30 12.81 -27.12
C ALA B 67 -5.43 13.38 -27.99
N ASP B 68 -6.59 13.60 -27.38
CA ASP B 68 -7.72 14.28 -28.02
C ASP B 68 -7.58 15.82 -27.98
N GLY B 69 -6.42 16.33 -27.57
CA GLY B 69 -6.11 17.76 -27.63
C GLY B 69 -6.80 18.67 -26.65
N LEU B 70 -7.50 18.10 -25.66
CA LEU B 70 -8.17 18.90 -24.62
C LEU B 70 -7.21 19.53 -23.61
N LEU B 71 -6.04 18.93 -23.42
CA LEU B 71 -5.14 19.30 -22.32
C LEU B 71 -3.82 19.88 -22.78
N ARG B 72 -3.66 21.18 -22.64
CA ARG B 72 -2.41 21.88 -23.01
C ARG B 72 -1.63 22.25 -21.75
N PRO B 73 -0.31 22.50 -21.88
CA PRO B 73 0.49 22.75 -20.68
C PRO B 73 -0.04 23.87 -19.80
N GLY B 74 -0.12 23.61 -18.50
CA GLY B 74 -0.66 24.56 -17.53
C GLY B 74 -2.17 24.54 -17.37
N ALA B 75 -2.87 23.68 -18.11
CA ALA B 75 -4.36 23.55 -18.04
C ALA B 75 -4.87 23.13 -16.65
N THR B 76 -6.20 23.08 -16.49
CA THR B 76 -6.85 22.78 -15.21
C THR B 76 -7.93 21.71 -15.38
N ILE B 77 -7.94 20.72 -14.47
CA ILE B 77 -8.89 19.58 -14.54
C ILE B 77 -9.98 19.62 -13.44
N LEU B 78 -11.17 19.09 -13.79
CA LEU B 78 -12.34 19.08 -12.93
C LEU B 78 -13.02 17.72 -12.95
N GLU B 79 -13.55 17.31 -11.80
CA GLU B 79 -14.24 16.02 -11.73
C GLU B 79 -15.15 15.94 -10.52
N PRO B 80 -16.32 15.28 -10.67
CA PRO B 80 -17.16 14.91 -9.52
C PRO B 80 -16.65 13.68 -8.78
N THR B 81 -15.98 13.93 -7.66
CA THR B 81 -15.57 12.89 -6.73
C THR B 81 -14.86 13.54 -5.55
N SER B 82 -15.12 13.02 -4.35
CA SER B 82 -14.32 13.33 -3.16
C SER B 82 -13.62 12.09 -2.60
N GLY B 83 -13.60 11.00 -3.37
CA GLY B 83 -13.00 9.78 -2.91
C GLY B 83 -11.71 9.43 -3.64
N ASN B 84 -11.64 8.19 -4.04
CA ASN B 84 -10.44 7.59 -4.54
C ASN B 84 -10.01 8.10 -5.87
N THR B 85 -10.97 8.50 -6.69
CA THR B 85 -10.68 9.06 -7.99
C THR B 85 -10.07 10.42 -7.86
N GLY B 86 -10.58 11.21 -6.91
CA GLY B 86 -10.05 12.52 -6.60
C GLY B 86 -8.59 12.44 -6.25
N ILE B 87 -8.27 11.58 -5.29
CA ILE B 87 -6.90 11.39 -4.83
C ILE B 87 -6.01 11.05 -6.03
N SER B 88 -6.42 10.03 -6.79
CA SER B 88 -5.66 9.54 -7.96
C SER B 88 -5.38 10.65 -8.99
N LEU B 89 -6.42 11.42 -9.35
CA LEU B 89 -6.31 12.53 -10.31
C LEU B 89 -5.40 13.63 -9.82
N ALA B 90 -5.48 13.94 -8.53
CA ALA B 90 -4.63 14.96 -7.92
C ALA B 90 -3.17 14.58 -7.97
N MET B 91 -2.88 13.32 -7.68
CA MET B 91 -1.52 12.82 -7.81
C MET B 91 -1.11 12.96 -9.26
N ALA B 92 -1.93 12.46 -10.16
CA ALA B 92 -1.53 12.38 -11.57
C ALA B 92 -1.43 13.75 -12.23
N ALA B 93 -2.34 14.65 -11.90
CA ALA B 93 -2.29 16.00 -12.43
C ALA B 93 -1.02 16.71 -12.00
N ARG B 94 -0.79 16.77 -10.69
CA ARG B 94 0.44 17.33 -10.12
C ARG B 94 1.71 16.91 -10.88
N LEU B 95 1.82 15.62 -11.21
CA LEU B 95 2.98 15.10 -11.90
C LEU B 95 3.02 15.45 -13.39
N LYS B 96 1.85 15.52 -14.05
CA LYS B 96 1.74 15.97 -15.45
C LYS B 96 1.71 17.51 -15.60
N GLY B 97 1.98 18.26 -14.52
CA GLY B 97 2.01 19.71 -14.59
C GLY B 97 0.67 20.42 -14.60
N TYR B 98 -0.41 19.69 -14.29
CA TYR B 98 -1.75 20.24 -14.29
C TYR B 98 -2.27 20.71 -12.92
N ARG B 99 -3.43 21.38 -12.94
CA ARG B 99 -4.08 21.94 -11.76
C ARG B 99 -5.37 21.23 -11.61
N LEU B 100 -5.79 21.02 -10.36
CA LEU B 100 -7.02 20.27 -10.09
C LEU B 100 -7.98 21.04 -9.19
N ILE B 101 -9.26 20.81 -9.43
CA ILE B 101 -10.34 21.21 -8.54
C ILE B 101 -11.37 20.11 -8.52
N CYS B 102 -11.72 19.70 -7.30
CA CYS B 102 -12.61 18.57 -7.11
C CYS B 102 -13.99 19.05 -6.67
N VAL B 103 -14.94 18.14 -6.81
CA VAL B 103 -16.36 18.42 -6.82
C VAL B 103 -17.03 17.50 -5.81
N MET B 104 -17.56 18.12 -4.76
CA MET B 104 -18.06 17.43 -3.58
C MET B 104 -18.99 18.45 -2.89
N PRO B 105 -19.75 18.01 -1.87
CA PRO B 105 -20.49 18.95 -1.04
C PRO B 105 -19.71 19.59 0.16
N GLU B 106 -20.36 20.46 0.93
CA GLU B 106 -19.88 20.85 2.26
C GLU B 106 -19.96 19.69 3.25
N ASN B 107 -21.09 18.97 3.22
CA ASN B 107 -21.34 17.77 4.04
C ASN B 107 -20.19 16.77 4.14
N THR B 108 -19.44 16.60 3.05
CA THR B 108 -18.32 15.64 2.96
C THR B 108 -17.29 15.88 4.08
N SER B 109 -16.76 14.80 4.63
CA SER B 109 -16.03 14.86 5.90
C SER B 109 -14.75 15.67 5.83
N VAL B 110 -14.24 15.99 7.01
CA VAL B 110 -12.99 16.73 7.18
C VAL B 110 -11.81 15.83 6.73
N GLU B 111 -11.89 14.53 7.02
CA GLU B 111 -10.88 13.55 6.61
C GLU B 111 -10.61 13.60 5.10
N ARG B 112 -11.65 13.31 4.32
CA ARG B 112 -11.58 13.29 2.86
C ARG B 112 -11.09 14.62 2.29
N ARG B 113 -11.62 15.71 2.87
CA ARG B 113 -11.31 17.06 2.41
C ARG B 113 -9.82 17.36 2.57
N GLN B 114 -9.26 17.05 3.74
CA GLN B 114 -7.87 17.38 4.04
C GLN B 114 -6.88 16.52 3.28
N LEU B 115 -7.26 15.27 3.03
CA LEU B 115 -6.45 14.36 2.22
C LEU B 115 -6.26 14.85 0.78
N LEU B 116 -7.32 15.37 0.17
CA LEU B 116 -7.26 15.96 -1.16
C LEU B 116 -6.39 17.20 -1.22
N GLU B 117 -6.47 18.04 -0.19
CA GLU B 117 -5.69 19.28 -0.16
C GLU B 117 -4.22 18.95 0.03
N LEU B 118 -3.97 17.94 0.84
CA LEU B 118 -2.63 17.40 1.06
C LEU B 118 -1.96 16.96 -0.27
N TYR B 119 -2.74 16.35 -1.16
CA TYR B 119 -2.25 16.02 -2.52
C TYR B 119 -2.21 17.20 -3.47
N GLY B 120 -2.85 18.31 -3.10
CA GLY B 120 -2.74 19.57 -3.83
C GLY B 120 -3.99 19.99 -4.59
N ALA B 121 -5.09 19.26 -4.42
CA ALA B 121 -6.35 19.62 -5.05
C ALA B 121 -6.99 20.83 -4.37
N GLN B 122 -7.99 21.37 -5.07
CA GLN B 122 -8.75 22.51 -4.60
C GLN B 122 -10.22 22.15 -4.57
N ILE B 123 -10.97 22.90 -3.76
CA ILE B 123 -12.23 22.41 -3.18
C ILE B 123 -13.46 23.16 -3.70
N ILE B 124 -14.48 22.40 -4.10
CA ILE B 124 -15.78 22.90 -4.53
C ILE B 124 -16.83 21.88 -4.12
N THR B 134 -26.74 16.03 -9.13
CA THR B 134 -26.35 17.42 -8.91
C THR B 134 -24.87 17.70 -9.19
N ALA B 135 -24.03 16.92 -8.54
CA ALA B 135 -22.59 17.17 -8.50
C ALA B 135 -21.89 16.94 -9.88
N VAL B 136 -22.32 15.91 -10.61
CA VAL B 136 -21.94 15.69 -12.03
C VAL B 136 -22.31 16.90 -12.89
N ALA B 137 -23.54 17.40 -12.70
CA ALA B 137 -24.08 18.52 -13.47
C ALA B 137 -23.41 19.84 -13.13
N THR B 138 -23.17 20.06 -11.83
CA THR B 138 -22.45 21.24 -11.37
C THR B 138 -21.11 21.32 -12.07
N ALA B 139 -20.42 20.17 -12.12
CA ALA B 139 -19.10 20.06 -12.73
C ALA B 139 -19.05 20.37 -14.23
N LYS B 140 -19.98 19.77 -14.97
CA LYS B 140 -20.11 20.02 -16.40
C LYS B 140 -20.22 21.51 -16.71
N GLU B 141 -20.98 22.22 -15.88
CA GLU B 141 -21.12 23.67 -15.99
C GLU B 141 -19.79 24.41 -15.74
N LEU B 142 -19.01 23.93 -14.77
CA LEU B 142 -17.71 24.53 -14.43
C LEU B 142 -16.64 24.36 -15.54
N ALA B 143 -16.72 23.24 -16.26
CA ALA B 143 -15.87 22.99 -17.45
C ALA B 143 -16.27 23.87 -18.65
N ALA B 144 -17.59 24.09 -18.78
CA ALA B 144 -18.16 24.98 -19.80
C ALA B 144 -17.76 26.46 -19.59
N THR B 145 -17.25 26.78 -18.41
CA THR B 145 -16.66 28.10 -18.11
C THR B 145 -15.31 28.39 -18.79
N ASN B 146 -14.45 27.39 -18.97
CA ASN B 146 -13.11 27.63 -19.57
C ASN B 146 -12.70 26.61 -20.64
N PRO B 147 -11.94 27.09 -21.67
CA PRO B 147 -11.39 26.25 -22.73
C PRO B 147 -10.29 25.34 -22.16
N SER B 148 -9.45 25.89 -21.29
CA SER B 148 -8.41 25.14 -20.58
C SER B 148 -8.90 24.40 -19.32
N TRP B 149 -10.22 24.33 -19.12
CA TRP B 149 -10.82 23.63 -17.99
C TRP B 149 -11.48 22.44 -18.58
N VAL B 150 -11.05 21.26 -18.17
CA VAL B 150 -11.59 20.02 -18.72
C VAL B 150 -12.22 19.20 -17.60
N MET B 151 -13.32 18.53 -17.91
CA MET B 151 -13.93 17.60 -16.98
C MET B 151 -13.91 16.19 -17.55
N LEU B 152 -13.20 15.30 -16.87
CA LEU B 152 -12.87 13.99 -17.42
C LEU B 152 -14.04 13.00 -17.43
N TYR B 153 -14.89 13.07 -16.40
CA TYR B 153 -16.12 12.30 -16.34
C TYR B 153 -16.02 10.79 -16.30
N GLN B 154 -15.46 10.28 -15.23
CA GLN B 154 -15.15 8.87 -15.11
C GLN B 154 -16.30 7.98 -15.26
N TYR B 155 -17.47 8.52 -15.04
CA TYR B 155 -18.73 7.78 -15.24
C TYR B 155 -19.08 7.56 -16.71
N GLY B 156 -18.74 8.53 -17.57
CA GLY B 156 -18.94 8.38 -19.02
C GLY B 156 -17.72 8.01 -19.85
N ASN B 157 -16.53 8.36 -19.36
CA ASN B 157 -15.26 8.29 -20.13
C ASN B 157 -14.81 6.86 -20.49
N PRO B 158 -14.72 6.51 -21.79
CA PRO B 158 -14.23 5.17 -22.19
C PRO B 158 -12.79 4.87 -21.79
N ALA B 159 -11.98 5.89 -21.51
CA ALA B 159 -10.62 5.69 -20.99
C ALA B 159 -10.62 4.99 -19.63
N ASN B 160 -11.65 5.25 -18.81
CA ASN B 160 -11.85 4.47 -17.59
C ASN B 160 -11.93 2.97 -17.90
N THR B 161 -12.84 2.60 -18.79
CA THR B 161 -12.99 1.22 -19.24
C THR B 161 -11.74 0.71 -19.95
N ASP B 162 -11.05 1.58 -20.68
CA ASP B 162 -9.83 1.18 -21.38
C ASP B 162 -8.71 0.80 -20.45
N SER B 163 -8.58 1.48 -19.31
CA SER B 163 -7.47 1.22 -18.40
C SER B 163 -7.48 -0.22 -17.88
N HIS B 164 -8.67 -0.78 -17.68
CA HIS B 164 -8.79 -2.16 -17.22
C HIS B 164 -8.68 -3.13 -18.36
N TYR B 165 -9.13 -2.70 -19.53
CA TYR B 165 -9.03 -3.48 -20.76
C TYR B 165 -7.57 -3.69 -21.14
N CYS B 166 -6.79 -2.61 -21.06
CA CYS B 166 -5.37 -2.63 -21.44
C CYS B 166 -4.40 -3.01 -20.31
N GLY B 167 -4.87 -3.07 -19.06
CA GLY B 167 -4.01 -3.39 -17.90
C GLY B 167 -4.51 -4.57 -17.09
N THR B 168 -5.54 -4.30 -16.30
CA THR B 168 -6.08 -5.26 -15.34
C THR B 168 -6.34 -6.62 -15.94
N GLY B 169 -7.09 -6.66 -17.05
CA GLY B 169 -7.43 -7.93 -17.74
C GLY B 169 -6.24 -8.77 -18.25
N PRO B 170 -5.35 -8.14 -19.03
CA PRO B 170 -4.10 -8.79 -19.43
C PRO B 170 -3.27 -9.35 -18.27
N GLU B 171 -3.18 -8.60 -17.16
CA GLU B 171 -2.45 -9.08 -15.99
C GLU B 171 -3.11 -10.30 -15.34
N LEU B 172 -4.44 -10.28 -15.25
CA LEU B 172 -5.16 -11.41 -14.68
C LEU B 172 -4.96 -12.65 -15.53
N LEU B 173 -5.25 -12.53 -16.83
CA LEU B 173 -5.08 -13.63 -17.77
C LEU B 173 -3.67 -14.21 -17.76
N ALA B 174 -2.68 -13.35 -17.59
CA ALA B 174 -1.30 -13.78 -17.53
C ALA B 174 -1.01 -14.60 -16.27
N ASP B 175 -1.45 -14.07 -15.12
CA ASP B 175 -1.30 -14.77 -13.83
C ASP B 175 -2.23 -15.98 -13.67
N LEU B 176 -3.40 -15.94 -14.29
CA LEU B 176 -4.46 -16.93 -14.04
C LEU B 176 -5.12 -17.32 -15.37
N PRO B 177 -4.38 -18.01 -16.26
CA PRO B 177 -4.98 -18.53 -17.51
C PRO B 177 -6.22 -19.40 -17.26
N GLU B 178 -6.18 -20.16 -16.15
CA GLU B 178 -7.26 -21.09 -15.76
C GLU B 178 -8.44 -20.43 -15.03
N ILE B 179 -8.48 -19.09 -15.01
CA ILE B 179 -9.59 -18.33 -14.44
C ILE B 179 -10.97 -18.81 -14.90
N THR B 180 -11.91 -18.92 -13.95
CA THR B 180 -13.33 -19.22 -14.26
C THR B 180 -14.26 -18.05 -14.01
N HIS B 181 -13.95 -17.25 -12.98
CA HIS B 181 -14.78 -16.10 -12.61
C HIS B 181 -13.93 -14.87 -12.27
N PHE B 182 -14.47 -13.70 -12.56
CA PHE B 182 -13.92 -12.45 -12.10
C PHE B 182 -15.00 -11.71 -11.31
N VAL B 183 -14.72 -11.43 -10.03
CA VAL B 183 -15.63 -10.67 -9.15
C VAL B 183 -15.05 -9.29 -8.77
N ALA B 184 -15.88 -8.25 -8.88
CA ALA B 184 -15.48 -6.88 -8.59
C ALA B 184 -16.67 -5.98 -8.26
N GLY B 185 -16.41 -4.92 -7.52
CA GLY B 185 -17.41 -3.95 -7.17
C GLY B 185 -17.82 -3.15 -8.38
N LEU B 186 -19.09 -2.74 -8.38
CA LEU B 186 -19.67 -1.98 -9.47
C LEU B 186 -19.99 -0.58 -9.00
N GLY B 187 -19.14 0.38 -9.39
CA GLY B 187 -19.33 1.78 -9.07
C GLY B 187 -19.50 2.60 -10.34
N THR B 188 -18.39 3.05 -10.90
CA THR B 188 -18.40 3.65 -12.26
C THR B 188 -18.69 2.62 -13.34
N THR B 189 -18.44 1.35 -13.00
CA THR B 189 -18.55 0.17 -13.87
C THR B 189 -17.29 -0.12 -14.68
N GLY B 190 -16.32 0.82 -14.70
CA GLY B 190 -15.06 0.64 -15.41
C GLY B 190 -14.37 -0.71 -15.23
N THR B 191 -14.20 -1.14 -13.99
CA THR B 191 -13.47 -2.37 -13.68
C THR B 191 -14.15 -3.54 -14.36
N LEU B 192 -15.44 -3.68 -14.13
CA LEU B 192 -16.14 -4.85 -14.64
C LEU B 192 -16.27 -4.84 -16.16
N MET B 193 -16.64 -3.69 -16.71
CA MET B 193 -16.76 -3.52 -18.16
C MET B 193 -15.45 -3.81 -18.89
N GLY B 194 -14.39 -3.10 -18.50
CA GLY B 194 -13.09 -3.21 -19.11
C GLY B 194 -12.46 -4.59 -18.95
N THR B 195 -12.53 -5.13 -17.75
CA THR B 195 -11.84 -6.38 -17.47
C THR B 195 -12.64 -7.52 -18.02
N GLY B 196 -13.97 -7.38 -17.94
CA GLY B 196 -14.90 -8.40 -18.44
C GLY B 196 -14.90 -8.51 -19.97
N ARG B 197 -14.93 -7.36 -20.65
CA ARG B 197 -14.81 -7.34 -22.12
C ARG B 197 -13.57 -8.10 -22.58
N PHE B 198 -12.42 -7.76 -21.99
CA PHE B 198 -11.17 -8.43 -22.31
C PHE B 198 -11.21 -9.92 -21.98
N LEU B 199 -11.66 -10.29 -20.79
CA LEU B 199 -11.60 -11.69 -20.39
C LEU B 199 -12.50 -12.57 -21.25
N ARG B 200 -13.62 -12.03 -21.71
CA ARG B 200 -14.57 -12.77 -22.56
C ARG B 200 -13.99 -13.14 -23.91
N GLU B 201 -13.30 -12.16 -24.52
CA GLU B 201 -12.55 -12.39 -25.75
C GLU B 201 -11.55 -13.58 -25.67
N HIS B 202 -10.91 -13.81 -24.51
CA HIS B 202 -9.86 -14.84 -24.39
C HIS B 202 -10.25 -16.08 -23.66
N VAL B 203 -11.18 -15.96 -22.72
CA VAL B 203 -11.68 -17.09 -21.94
C VAL B 203 -13.16 -17.06 -22.20
N ALA B 204 -13.60 -17.91 -23.12
CA ALA B 204 -14.98 -17.93 -23.56
C ALA B 204 -15.97 -18.21 -22.43
N ASN B 205 -15.69 -19.23 -21.62
CA ASN B 205 -16.57 -19.65 -20.52
C ASN B 205 -16.49 -18.77 -19.22
N VAL B 206 -15.83 -17.62 -19.28
CA VAL B 206 -15.59 -16.84 -18.07
C VAL B 206 -16.89 -16.24 -17.60
N LYS B 207 -17.05 -16.19 -16.28
CA LYS B 207 -18.20 -15.54 -15.64
C LYS B 207 -17.78 -14.24 -14.94
N ILE B 208 -18.51 -13.16 -15.23
CA ILE B 208 -18.22 -11.84 -14.72
C ILE B 208 -19.31 -11.45 -13.72
N VAL B 209 -18.97 -11.55 -12.43
CA VAL B 209 -19.89 -11.29 -11.33
C VAL B 209 -19.68 -9.92 -10.70
N ALA B 210 -20.77 -9.19 -10.48
CA ALA B 210 -20.74 -7.88 -9.85
C ALA B 210 -21.22 -7.91 -8.40
N ALA B 211 -20.61 -7.08 -7.55
CA ALA B 211 -21.05 -6.87 -6.13
C ALA B 211 -21.46 -5.41 -6.01
N GLU B 212 -22.56 -5.13 -5.33
CA GLU B 212 -23.04 -3.75 -5.17
C GLU B 212 -23.74 -3.52 -3.83
N PRO B 213 -23.95 -2.24 -3.44
CA PRO B 213 -24.71 -1.97 -2.21
C PRO B 213 -26.23 -2.06 -2.38
N ARG B 214 -26.94 -2.47 -1.32
CA ARG B 214 -28.41 -2.34 -1.24
C ARG B 214 -28.79 -0.86 -1.21
N TYR B 215 -29.84 -0.49 -1.95
CA TYR B 215 -30.26 0.92 -2.08
C TYR B 215 -30.68 1.56 -0.73
N GLY B 228 -29.19 7.43 -6.75
CA GLY B 228 -28.64 6.49 -7.73
C GLY B 228 -28.88 6.86 -9.19
N PHE B 229 -28.06 6.27 -10.07
CA PHE B 229 -28.02 6.59 -11.51
C PHE B 229 -27.37 5.44 -12.29
N VAL B 230 -27.45 5.50 -13.63
CA VAL B 230 -26.86 4.46 -14.51
C VAL B 230 -25.73 5.06 -15.38
N PRO B 231 -24.48 4.56 -15.24
CA PRO B 231 -23.39 5.16 -16.04
C PRO B 231 -23.42 4.82 -17.53
N GLU B 232 -22.99 5.78 -18.36
CA GLU B 232 -22.96 5.61 -19.81
C GLU B 232 -22.05 4.43 -20.25
N LEU B 233 -21.05 4.12 -19.42
CA LEU B 233 -20.14 2.98 -19.64
C LEU B 233 -20.80 1.62 -19.50
N TYR B 234 -21.90 1.58 -18.77
CA TYR B 234 -22.55 0.34 -18.44
C TYR B 234 -23.08 -0.36 -19.69
N ASP B 235 -22.80 -1.66 -19.77
CA ASP B 235 -23.39 -2.54 -20.75
C ASP B 235 -23.77 -3.85 -20.00
N PRO B 236 -25.07 -4.09 -19.76
CA PRO B 236 -25.53 -5.27 -18.98
C PRO B 236 -25.19 -6.67 -19.50
N GLU B 237 -25.03 -6.80 -20.83
CA GLU B 237 -24.71 -8.09 -21.47
C GLU B 237 -23.48 -8.79 -20.86
N ILE B 238 -22.48 -7.98 -20.49
CA ILE B 238 -21.20 -8.43 -19.92
C ILE B 238 -21.32 -9.18 -18.58
N LEU B 239 -22.28 -8.81 -17.74
CA LEU B 239 -22.42 -9.44 -16.41
C LEU B 239 -23.18 -10.75 -16.50
N THR B 240 -22.75 -11.71 -15.71
CA THR B 240 -23.38 -13.00 -15.53
C THR B 240 -24.28 -12.97 -14.31
N ALA B 241 -23.94 -12.11 -13.35
CA ALA B 241 -24.61 -12.13 -12.07
C ALA B 241 -24.42 -10.82 -11.39
N ARG B 242 -25.31 -10.55 -10.44
CA ARG B 242 -25.25 -9.35 -9.61
C ARG B 242 -25.66 -9.70 -8.20
N TYR B 243 -24.90 -9.19 -7.25
CA TYR B 243 -25.13 -9.45 -5.86
C TYR B 243 -25.34 -8.12 -5.17
N SER B 244 -26.42 -8.03 -4.41
CA SER B 244 -26.69 -6.87 -3.59
C SER B 244 -26.25 -7.24 -2.18
N VAL B 245 -25.33 -6.47 -1.62
CA VAL B 245 -24.69 -6.86 -0.37
C VAL B 245 -25.05 -5.86 0.72
N GLY B 246 -25.41 -6.38 1.86
CA GLY B 246 -25.76 -5.57 3.00
C GLY B 246 -24.51 -5.18 3.77
N ALA B 247 -24.61 -4.05 4.46
CA ALA B 247 -23.53 -3.55 5.30
C ALA B 247 -22.96 -4.59 6.26
N VAL B 248 -23.82 -5.29 6.99
CA VAL B 248 -23.34 -6.25 8.00
C VAL B 248 -22.53 -7.35 7.34
N ASP B 249 -23.03 -7.86 6.22
CA ASP B 249 -22.30 -8.87 5.43
C ASP B 249 -20.91 -8.33 5.01
N ALA B 250 -20.91 -7.16 4.38
CA ALA B 250 -19.67 -6.53 3.92
C ALA B 250 -18.61 -6.47 5.01
N VAL B 251 -18.98 -5.88 6.16
CA VAL B 251 -18.04 -5.65 7.26
C VAL B 251 -17.46 -6.95 7.83
N ARG B 252 -18.35 -7.86 8.15
CA ARG B 252 -18.02 -9.22 8.56
C ARG B 252 -16.96 -9.87 7.64
N ARG B 253 -17.17 -9.75 6.33
CA ARG B 253 -16.25 -10.37 5.35
C ARG B 253 -14.86 -9.71 5.40
N THR B 254 -14.87 -8.39 5.44
CA THR B 254 -13.67 -7.59 5.54
C THR B 254 -12.86 -8.08 6.72
N ARG B 255 -13.52 -8.19 7.86
CA ARG B 255 -12.88 -8.63 9.13
C ARG B 255 -12.36 -10.05 9.08
N GLU B 256 -13.19 -10.96 8.56
CA GLU B 256 -12.76 -12.32 8.27
C GLU B 256 -11.49 -12.28 7.38
N LEU B 257 -11.49 -11.42 6.36
CA LEU B 257 -10.39 -11.40 5.43
C LEU B 257 -9.05 -11.03 6.06
N VAL B 258 -9.02 -10.08 6.98
CA VAL B 258 -7.76 -9.71 7.67
C VAL B 258 -7.37 -10.71 8.77
N HIS B 259 -8.36 -11.16 9.54
N HIS B 259 -8.37 -11.17 9.51
CA HIS B 259 -8.20 -12.20 10.59
CA HIS B 259 -8.17 -12.15 10.58
C HIS B 259 -7.61 -13.50 10.04
C HIS B 259 -7.68 -13.52 10.09
N THR B 260 -8.13 -13.95 8.90
CA THR B 260 -7.75 -15.22 8.30
C THR B 260 -6.59 -15.14 7.31
N GLU B 261 -6.58 -14.11 6.46
CA GLU B 261 -5.60 -14.03 5.38
C GLU B 261 -4.53 -12.97 5.52
N GLY B 262 -4.59 -12.14 6.55
CA GLY B 262 -3.63 -11.05 6.75
C GLY B 262 -3.67 -9.91 5.71
N ILE B 263 -4.83 -9.75 5.05
CA ILE B 263 -5.01 -8.68 4.06
C ILE B 263 -6.01 -7.66 4.59
N PHE B 264 -5.52 -6.44 4.85
CA PHE B 264 -6.28 -5.39 5.50
C PHE B 264 -6.96 -4.54 4.44
N ALA B 265 -8.14 -4.94 3.99
CA ALA B 265 -8.82 -4.30 2.82
C ALA B 265 -9.89 -3.32 3.21
N GLY B 266 -10.34 -2.56 2.23
CA GLY B 266 -11.46 -1.65 2.44
C GLY B 266 -12.79 -2.37 2.38
N ILE B 267 -13.84 -1.64 2.76
CA ILE B 267 -15.20 -2.19 2.86
C ILE B 267 -15.76 -2.79 1.54
N SER B 268 -15.42 -2.21 0.40
CA SER B 268 -15.91 -2.73 -0.86
C SER B 268 -15.36 -4.11 -1.12
N THR B 269 -14.18 -4.40 -0.57
CA THR B 269 -13.61 -5.74 -0.70
C THR B 269 -14.47 -6.76 0.03
N GLY B 270 -14.95 -6.40 1.21
CA GLY B 270 -15.93 -7.20 1.93
C GLY B 270 -17.14 -7.58 1.09
N ALA B 271 -17.71 -6.61 0.40
CA ALA B 271 -18.86 -6.89 -0.47
C ALA B 271 -18.48 -7.90 -1.55
N VAL B 272 -17.39 -7.60 -2.24
CA VAL B 272 -16.82 -8.44 -3.31
C VAL B 272 -16.57 -9.86 -2.81
N LEU B 273 -15.99 -9.98 -1.62
CA LEU B 273 -15.69 -11.28 -1.05
C LEU B 273 -16.96 -12.07 -0.73
N HIS B 274 -17.97 -11.37 -0.24
CA HIS B 274 -19.23 -12.00 0.10
C HIS B 274 -19.80 -12.65 -1.16
N ALA B 275 -19.82 -11.87 -2.26
CA ALA B 275 -20.29 -12.34 -3.57
C ALA B 275 -19.47 -13.50 -4.12
N ALA B 276 -18.16 -13.40 -3.94
CA ALA B 276 -17.23 -14.45 -4.34
C ALA B 276 -17.37 -15.74 -3.55
N LEU B 277 -17.78 -15.65 -2.29
CA LEU B 277 -18.11 -16.85 -1.51
C LEU B 277 -19.43 -17.50 -1.95
N GLY B 278 -20.38 -16.71 -2.44
CA GLY B 278 -21.63 -17.25 -2.97
C GLY B 278 -21.38 -18.09 -4.21
N VAL B 279 -20.78 -17.43 -5.19
CA VAL B 279 -20.25 -18.07 -6.40
C VAL B 279 -19.48 -19.35 -6.08
N GLY B 280 -18.54 -19.23 -5.16
CA GLY B 280 -17.72 -20.33 -4.75
C GLY B 280 -18.53 -21.47 -4.21
N ALA B 281 -19.52 -21.16 -3.37
CA ALA B 281 -20.43 -22.17 -2.82
C ALA B 281 -21.27 -22.85 -3.91
N GLY B 282 -21.67 -22.06 -4.91
CA GLY B 282 -22.26 -22.59 -6.15
C GLY B 282 -21.43 -23.69 -6.82
N ALA B 283 -20.18 -23.39 -7.15
CA ALA B 283 -19.26 -24.36 -7.74
C ALA B 283 -19.05 -25.60 -6.88
N LEU B 284 -18.97 -25.42 -5.57
CA LEU B 284 -18.74 -26.53 -4.67
C LEU B 284 -19.95 -27.47 -4.64
N ALA B 285 -21.15 -26.90 -4.62
CA ALA B 285 -22.40 -27.68 -4.59
C ALA B 285 -22.58 -28.49 -5.87
N ALA B 286 -22.31 -27.86 -7.02
CA ALA B 286 -22.34 -28.51 -8.34
C ALA B 286 -21.06 -29.30 -8.74
N GLY B 287 -20.19 -29.62 -7.77
CA GLY B 287 -18.98 -30.42 -8.03
C GLY B 287 -18.05 -29.95 -9.15
N GLU B 288 -18.00 -28.64 -9.39
CA GLU B 288 -17.17 -28.06 -10.45
C GLU B 288 -15.90 -27.39 -9.92
N ARG B 289 -14.90 -27.28 -10.79
CA ARG B 289 -13.72 -26.47 -10.53
C ARG B 289 -14.12 -24.99 -10.54
N ALA B 290 -13.38 -24.21 -9.75
CA ALA B 290 -13.49 -22.76 -9.82
C ALA B 290 -12.16 -22.12 -9.47
N ASP B 291 -11.72 -21.17 -10.29
CA ASP B 291 -10.68 -20.25 -9.92
C ASP B 291 -11.24 -18.85 -10.05
N ILE B 292 -11.54 -18.27 -8.90
CA ILE B 292 -12.30 -17.02 -8.81
C ILE B 292 -11.37 -15.88 -8.46
N ALA B 293 -11.15 -14.97 -9.40
CA ALA B 293 -10.34 -13.81 -9.15
C ALA B 293 -11.24 -12.70 -8.63
N LEU B 294 -10.80 -12.05 -7.56
CA LEU B 294 -11.56 -10.96 -6.98
C LEU B 294 -10.63 -9.78 -6.72
N VAL B 295 -11.18 -8.58 -6.90
CA VAL B 295 -10.46 -7.30 -6.82
C VAL B 295 -10.46 -6.75 -5.39
N VAL B 296 -9.25 -6.58 -4.82
CA VAL B 296 -9.06 -5.82 -3.58
C VAL B 296 -8.70 -4.40 -4.01
N ALA B 297 -9.67 -3.49 -3.94
CA ALA B 297 -9.62 -2.20 -4.67
C ALA B 297 -8.88 -1.13 -3.92
N ASP B 298 -9.00 -1.15 -2.59
CA ASP B 298 -8.18 -0.31 -1.71
C ASP B 298 -8.00 -0.99 -0.35
N ALA B 299 -7.27 -0.33 0.57
CA ALA B 299 -6.93 -0.92 1.85
C ALA B 299 -7.81 -0.31 2.88
N GLY B 300 -7.75 -0.88 4.09
CA GLY B 300 -8.63 -0.47 5.18
C GLY B 300 -8.24 0.76 5.96
N TRP B 301 -7.04 1.26 5.70
CA TRP B 301 -6.52 2.45 6.39
C TRP B 301 -7.52 3.61 6.49
N LYS B 302 -8.01 4.11 5.35
CA LYS B 302 -8.91 5.26 5.38
C LYS B 302 -10.34 4.96 5.93
N TYR B 303 -10.65 3.70 6.28
CA TYR B 303 -11.95 3.32 6.85
C TYR B 303 -11.89 2.96 8.33
N LEU B 304 -10.72 3.15 8.91
CA LEU B 304 -10.42 2.74 10.29
C LEU B 304 -11.07 3.66 11.31
N SER B 305 -11.01 4.98 11.01
CA SER B 305 -11.61 6.05 11.84
C SER B 305 -13.09 5.79 12.14
N THR B 306 -13.73 5.04 11.25
CA THR B 306 -15.14 4.66 11.43
C THR B 306 -15.36 3.54 12.45
N GLY B 307 -14.31 3.09 13.16
CA GLY B 307 -14.43 1.99 14.14
C GLY B 307 -14.81 0.62 13.59
N ALA B 308 -15.30 0.57 12.35
CA ALA B 308 -15.92 -0.61 11.73
C ALA B 308 -15.11 -1.91 11.77
N TYR B 309 -13.81 -1.83 12.02
CA TYR B 309 -12.99 -3.03 12.15
C TYR B 309 -13.01 -3.66 13.55
N ALA B 310 -13.41 -2.87 14.56
CA ALA B 310 -13.55 -3.36 15.93
C ALA B 310 -14.98 -3.17 16.47
N GLY B 311 -15.21 -3.78 17.63
CA GLY B 311 -16.49 -3.68 18.31
C GLY B 311 -17.51 -4.65 17.77
N SER B 312 -18.78 -4.37 18.00
CA SER B 312 -19.85 -5.18 17.46
C SER B 312 -20.04 -4.85 15.97
N LEU B 313 -20.57 -5.80 15.22
CA LEU B 313 -20.95 -5.57 13.83
C LEU B 313 -22.13 -4.61 13.69
N ASP B 314 -23.05 -4.61 14.67
CA ASP B 314 -24.17 -3.67 14.62
C ASP B 314 -23.72 -2.22 14.91
N ASP B 315 -22.74 -2.05 15.80
CA ASP B 315 -22.05 -0.75 15.99
C ASP B 315 -21.39 -0.29 14.72
N ALA B 316 -20.59 -1.18 14.14
CA ALA B 316 -19.93 -0.93 12.86
C ALA B 316 -20.93 -0.58 11.73
N GLU B 317 -22.08 -1.25 11.69
CA GLU B 317 -23.08 -0.99 10.63
C GLU B 317 -23.67 0.40 10.70
N THR B 318 -24.03 0.81 11.91
CA THR B 318 -24.57 2.15 12.14
C THR B 318 -23.46 3.21 12.10
N ALA B 319 -22.25 2.84 12.53
CA ALA B 319 -21.08 3.74 12.46
C ALA B 319 -20.58 4.04 11.02
N LEU B 320 -21.01 3.25 10.04
CA LEU B 320 -20.72 3.54 8.63
C LEU B 320 -21.78 4.49 8.13
N1 PLP C . 10.79 3.63 9.72
C2 PLP C . 9.75 2.79 9.87
C2A PLP C . 8.37 3.23 9.51
C3 PLP C . 9.97 1.43 10.40
O3 PLP C . 8.96 0.55 10.56
C4 PLP C . 11.35 1.05 10.72
C4A PLP C . 11.68 -0.32 11.25
C5 PLP C . 12.41 2.06 10.52
C6 PLP C . 12.07 3.32 10.02
C5A PLP C . 13.86 1.74 10.87
O4P PLP C . 14.30 0.54 10.25
P PLP C . 15.36 -0.43 10.94
O1P PLP C . 14.61 -1.11 12.04
O2P PLP C . 15.88 -1.30 9.82
O3P PLP C . 16.44 0.50 11.42
CAO 6EQ D . 11.22 1.43 14.51
CAW 6EQ D . 10.92 0.16 15.01
OAD 6EQ D . 11.88 -0.67 15.54
CAZ 6EQ D . 9.63 -0.37 14.95
CAS 6EQ D . 9.30 -1.66 15.44
OAC 6EQ D . 8.11 -2.05 15.52
OAA 6EQ D . 10.19 -2.42 15.89
CAN 6EQ D . 8.65 0.45 14.37
CAM 6EQ D . 8.94 1.73 13.89
CAV 6EQ D . 10.24 2.27 13.91
NAR 6EQ D . 10.37 3.58 13.47
CAT 6EQ D . 11.55 4.27 13.26
OAB 6EQ D . 12.66 3.75 13.29
NAQ 6EQ D . 11.38 5.59 12.90
CAU 6EQ D . 12.36 6.54 12.63
CAP 6EQ D . 12.01 7.89 12.85
CAI 6EQ D . 13.64 6.31 12.17
CAH 6EQ D . 14.49 7.42 11.94
CAL 6EQ D . 14.11 8.75 12.16
CAY 6EQ D . 12.83 9.01 12.65
CAX 6EQ D . 12.38 10.33 12.92
CAJ 6EQ D . 11.00 10.67 12.95
CAF 6EQ D . 10.51 11.96 13.24
CAE 6EQ D . 11.39 12.98 13.50
CAG 6EQ D . 12.76 12.66 13.47
CAK 6EQ D . 13.26 11.38 13.20
N1 PLP E . -14.15 -0.01 -4.66
C2 PLP E . -13.33 1.05 -4.49
C2A PLP E . -12.55 1.23 -3.23
C3 PLP E . -13.18 2.03 -5.59
O3 PLP E . -12.36 3.09 -5.48
C4 PLP E . -13.95 1.83 -6.82
C4A PLP E . -13.88 2.75 -8.00
C5 PLP E . -14.82 0.63 -6.88
C6 PLP E . -14.86 -0.22 -5.77
C5A PLP E . -15.64 0.38 -8.12
O4P PLP E . -14.85 0.38 -9.33
P PLP E . -15.45 0.89 -10.73
O1P PLP E . -16.79 0.22 -10.82
O2P PLP E . -14.51 0.35 -11.78
O3P PLP E . -15.56 2.37 -10.61
CAO 6EQ F . -16.73 4.41 -6.43
CAW 6EQ F . -16.26 5.62 -6.98
OAD 6EQ F . -16.75 6.05 -8.16
CAZ 6EQ F . -15.27 6.41 -6.34
CAS 6EQ F . -14.82 7.62 -6.83
OAC 6EQ F . -15.27 8.04 -7.93
OAA 6EQ F . -14.05 8.36 -6.15
CAN 6EQ F . -14.77 5.95 -5.13
CAM 6EQ F . -15.24 4.77 -4.60
CAV 6EQ F . -16.20 3.96 -5.20
NAR 6EQ F . -16.51 2.86 -4.49
CAT 6EQ F . -17.50 1.95 -4.77
OAB 6EQ F . -18.18 1.91 -5.80
NAQ 6EQ F . -17.65 1.07 -3.74
CAU 6EQ F . -18.40 -0.04 -3.73
CAP 6EQ F . -18.94 -0.37 -2.48
CAI 6EQ F . -18.54 -0.94 -4.78
CAH 6EQ F . -19.27 -2.12 -4.55
CAL 6EQ F . -19.81 -2.43 -3.29
CAY 6EQ F . -19.68 -1.53 -2.22
CAX 6EQ F . -20.21 -1.79 -0.93
CAJ 6EQ F . -19.61 -1.30 0.25
CAF 6EQ F . -20.14 -1.55 1.52
CAE 6EQ F . -21.28 -2.32 1.66
CAG 6EQ F . -21.88 -2.84 0.51
CAK 6EQ F . -21.38 -2.56 -0.76
#